data_6XZZ
#
_entry.id   6XZZ
#
_cell.length_a   67.014
_cell.length_b   67.014
_cell.length_c   152.016
_cell.angle_alpha   90.000
_cell.angle_beta   90.000
_cell.angle_gamma   120.000
#
_symmetry.space_group_name_H-M   'P 61 2 2'
#
loop_
_entity.id
_entity.type
_entity.pdbx_description
1 polymer 'B-cell lymphoma 6 protein'
2 polymer 'Nuclear receptor corepressor 1'
3 non-polymer 'SODIUM ION'
4 non-polymer 'CHLORIDE ION'
5 non-polymer 'trifluoroacetic acid'
6 water water
#
loop_
_entity_poly.entity_id
_entity_poly.type
_entity_poly.pdbx_seq_one_letter_code
_entity_poly.pdbx_strand_id
1 'polypeptide(L)'
;GPDSQIQFTRHASDVLLNLNRLRSRDILTDVVIVVSREQFRAHKTVLMACSGLFYSIFTDQLKRNLSVINLDPEINPEGF
NILLDFMYTSRLNLREGNIMAVMATAMYLQMEHVVDTCRKFIKASE
;
A
2 'polypeptide(L)' RERIAAASSDLYLRPGS B
#
loop_
_chem_comp.id
_chem_comp.type
_chem_comp.name
_chem_comp.formula
CL non-polymer 'CHLORIDE ION' 'Cl -1'
NA non-polymer 'SODIUM ION' 'Na 1'
TFA non-polymer 'trifluoroacetic acid' 'C2 H F3 O2'
#
# COMPACT_ATOMS: atom_id res chain seq x y z
N PRO A 2 -0.88 -13.98 -35.90
CA PRO A 2 -0.45 -13.29 -34.67
C PRO A 2 -1.45 -12.24 -34.20
N ASP A 3 -1.83 -12.30 -32.93
CA ASP A 3 -2.79 -11.37 -32.35
CA ASP A 3 -2.78 -11.36 -32.37
C ASP A 3 -2.06 -10.19 -31.71
N SER A 4 -2.75 -9.05 -31.67
CA SER A 4 -2.37 -7.86 -30.91
C SER A 4 -3.40 -7.70 -29.80
N GLN A 5 -3.14 -6.76 -28.87
CA GLN A 5 -4.00 -6.60 -27.70
C GLN A 5 -4.44 -5.15 -27.52
N ILE A 6 -5.63 -4.99 -26.94
CA ILE A 6 -6.16 -3.68 -26.55
C ILE A 6 -5.88 -3.49 -25.07
N GLN A 7 -5.27 -2.36 -24.71
CA GLN A 7 -5.01 -2.03 -23.32
C GLN A 7 -5.62 -0.69 -22.98
N PHE A 8 -6.22 -0.60 -21.78
CA PHE A 8 -6.84 0.63 -21.29
C PHE A 8 -5.82 1.38 -20.44
N THR A 9 -5.44 2.58 -20.90
CA THR A 9 -4.35 3.32 -20.29
C THR A 9 -4.62 3.63 -18.83
N ARG A 10 -5.85 3.99 -18.48
CA ARG A 10 -6.21 4.48 -17.15
CA ARG A 10 -6.15 4.46 -17.13
C ARG A 10 -6.81 3.41 -16.26
N HIS A 11 -6.89 2.16 -16.72
CA HIS A 11 -7.63 1.16 -15.95
C HIS A 11 -7.03 0.91 -14.57
N ALA A 12 -5.72 0.63 -14.50
CA ALA A 12 -5.13 0.28 -13.21
C ALA A 12 -5.22 1.45 -12.23
N SER A 13 -4.97 2.67 -12.71
CA SER A 13 -5.06 3.81 -11.80
C SER A 13 -6.51 4.10 -11.43
N ASP A 14 -7.46 3.83 -12.33
CA ASP A 14 -8.88 3.95 -12.00
C ASP A 14 -9.28 2.93 -10.93
N VAL A 15 -8.79 1.69 -11.04
CA VAL A 15 -9.08 0.69 -10.01
C VAL A 15 -8.58 1.17 -8.66
N LEU A 16 -7.33 1.65 -8.62
CA LEU A 16 -6.76 2.13 -7.36
C LEU A 16 -7.55 3.32 -6.80
N LEU A 17 -7.94 4.24 -7.68
CA LEU A 17 -8.76 5.38 -7.25
C LEU A 17 -10.07 4.90 -6.63
N ASN A 18 -10.71 3.90 -7.26
CA ASN A 18 -11.97 3.39 -6.74
C ASN A 18 -11.76 2.63 -5.43
N LEU A 19 -10.65 1.89 -5.31
CA LEU A 19 -10.35 1.21 -4.05
C LEU A 19 -10.11 2.23 -2.94
N ASN A 20 -9.42 3.33 -3.26
CA ASN A 20 -9.18 4.36 -2.25
C ASN A 20 -10.49 5.03 -1.82
N ARG A 21 -11.42 5.21 -2.76
CA ARG A 21 -12.75 5.71 -2.41
C ARG A 21 -13.49 4.75 -1.50
N LEU A 22 -13.38 3.44 -1.78
CA LEU A 22 -13.96 2.46 -0.86
C LEU A 22 -13.36 2.60 0.53
N ARG A 23 -12.04 2.79 0.61
CA ARG A 23 -11.40 2.93 1.91
C ARG A 23 -11.91 4.18 2.63
N SER A 24 -12.02 5.31 1.91
CA SER A 24 -12.47 6.54 2.53
CA SER A 24 -12.48 6.54 2.54
C SER A 24 -13.89 6.39 3.10
N ARG A 25 -14.73 5.61 2.43
CA ARG A 25 -16.11 5.42 2.85
CA ARG A 25 -16.11 5.42 2.83
C ARG A 25 -16.30 4.19 3.71
N ASP A 26 -15.21 3.49 4.05
CA ASP A 26 -15.27 2.31 4.93
C ASP A 26 -16.12 1.20 4.33
N ILE A 27 -16.04 1.03 3.01
CA ILE A 27 -16.82 0.02 2.30
C ILE A 27 -15.95 -1.20 2.07
N LEU A 28 -16.39 -2.35 2.58
CA LEU A 28 -15.73 -3.64 2.43
C LEU A 28 -14.33 -3.68 3.05
N THR A 29 -13.98 -2.68 3.86
CA THR A 29 -12.74 -2.80 4.62
C THR A 29 -12.88 -3.99 5.57
N ASP A 30 -11.78 -4.73 5.74
CA ASP A 30 -11.81 -6.00 6.44
C ASP A 30 -10.69 -6.14 7.46
N VAL A 31 -9.90 -5.09 7.69
CA VAL A 31 -8.85 -5.15 8.69
C VAL A 31 -8.64 -3.74 9.25
N VAL A 32 -8.24 -3.69 10.52
CA VAL A 32 -7.78 -2.45 11.14
C VAL A 32 -6.33 -2.69 11.55
N ILE A 33 -5.45 -1.79 11.15
CA ILE A 33 -4.05 -1.82 11.56
C ILE A 33 -3.89 -0.83 12.70
N VAL A 34 -3.23 -1.24 13.78
CA VAL A 34 -3.05 -0.42 14.96
C VAL A 34 -1.56 -0.12 15.12
N VAL A 35 -1.22 1.17 15.24
CA VAL A 35 0.14 1.62 15.55
C VAL A 35 0.03 2.64 16.68
N SER A 36 0.58 2.31 17.84
CA SER A 36 0.62 3.19 19.02
CA SER A 36 0.63 3.23 18.98
C SER A 36 -0.72 3.87 19.27
N ARG A 37 -1.75 3.03 19.41
CA ARG A 37 -3.12 3.41 19.76
C ARG A 37 -3.84 4.17 18.67
N GLU A 38 -3.30 4.21 17.45
CA GLU A 38 -3.93 4.85 16.32
C GLU A 38 -4.35 3.78 15.33
N GLN A 39 -5.56 3.90 14.79
CA GLN A 39 -6.14 2.84 13.96
C GLN A 39 -6.26 3.29 12.51
N PHE A 40 -6.02 2.34 11.61
CA PHE A 40 -6.11 2.57 10.17
C PHE A 40 -6.92 1.44 9.55
N ARG A 41 -8.05 1.76 8.93
CA ARG A 41 -8.82 0.73 8.25
CA ARG A 41 -8.85 0.76 8.23
C ARG A 41 -8.31 0.53 6.82
N ALA A 42 -8.39 -0.71 6.36
CA ALA A 42 -7.86 -1.01 5.03
C ALA A 42 -8.49 -2.29 4.48
N HIS A 43 -8.10 -2.64 3.26
CA HIS A 43 -8.50 -3.88 2.59
C HIS A 43 -7.28 -4.79 2.59
N LYS A 44 -7.44 -6.00 3.14
CA LYS A 44 -6.33 -6.95 3.22
C LYS A 44 -5.65 -7.19 1.88
N THR A 45 -6.44 -7.30 0.80
CA THR A 45 -5.83 -7.62 -0.48
C THR A 45 -4.91 -6.50 -0.97
N VAL A 46 -5.28 -5.25 -0.73
CA VAL A 46 -4.42 -4.14 -1.13
C VAL A 46 -3.13 -4.17 -0.32
N LEU A 47 -3.24 -4.41 0.99
CA LEU A 47 -2.04 -4.51 1.83
C LEU A 47 -1.11 -5.60 1.31
N MET A 48 -1.68 -6.78 0.99
CA MET A 48 -0.88 -7.92 0.52
C MET A 48 -0.23 -7.64 -0.82
N ALA A 49 -0.90 -6.86 -1.67
CA ALA A 49 -0.36 -6.53 -2.99
C ALA A 49 0.79 -5.54 -2.91
N CYS A 50 0.99 -4.88 -1.77
CA CYS A 50 1.98 -3.80 -1.66
C CYS A 50 3.08 -4.07 -0.66
N SER A 51 2.91 -5.00 0.26
CA SER A 51 3.80 -5.14 1.42
C SER A 51 4.16 -6.61 1.60
N GLY A 52 5.46 -6.89 1.67
CA GLY A 52 5.89 -8.25 1.95
C GLY A 52 5.45 -8.72 3.33
N LEU A 53 5.42 -7.81 4.31
CA LEU A 53 4.95 -8.17 5.64
C LEU A 53 3.50 -8.60 5.61
N PHE A 54 2.63 -7.78 5.00
CA PHE A 54 1.22 -8.14 4.98
C PHE A 54 0.96 -9.37 4.12
N TYR A 55 1.72 -9.55 3.03
CA TYR A 55 1.58 -10.78 2.26
C TYR A 55 1.88 -11.99 3.14
N SER A 56 2.95 -11.91 3.95
CA SER A 56 3.31 -13.02 4.82
CA SER A 56 3.31 -13.03 4.80
C SER A 56 2.25 -13.26 5.88
N ILE A 57 1.71 -12.18 6.45
CA ILE A 57 0.70 -12.33 7.51
C ILE A 57 -0.55 -13.04 6.98
N PHE A 58 -1.09 -12.54 5.87
CA PHE A 58 -2.40 -13.04 5.45
C PHE A 58 -2.32 -14.34 4.68
N THR A 59 -1.12 -14.82 4.35
CA THR A 59 -0.94 -16.18 3.86
C THR A 59 -0.64 -17.18 4.97
N ASP A 60 -0.46 -16.73 6.21
CA ASP A 60 -0.35 -17.63 7.36
CA ASP A 60 -0.37 -17.66 7.32
C ASP A 60 -1.76 -18.06 7.77
N GLN A 61 -2.02 -19.38 7.80
CA GLN A 61 -3.36 -19.87 8.09
C GLN A 61 -3.92 -19.28 9.39
N LEU A 62 -3.11 -19.20 10.44
CA LEU A 62 -3.60 -18.73 11.73
C LEU A 62 -3.91 -17.25 11.72
N LYS A 63 -3.12 -16.45 10.99
CA LYS A 63 -3.28 -15.01 11.02
C LYS A 63 -4.25 -14.49 9.95
N ARG A 64 -4.62 -15.35 9.00
CA ARG A 64 -5.45 -14.94 7.86
CA ARG A 64 -5.45 -14.94 7.86
C ARG A 64 -6.73 -14.25 8.32
N ASN A 65 -7.35 -14.74 9.39
CA ASN A 65 -8.66 -14.23 9.78
C ASN A 65 -8.61 -13.26 10.95
N LEU A 66 -7.45 -12.69 11.24
CA LEU A 66 -7.40 -11.59 12.18
C LEU A 66 -8.08 -10.38 11.56
N SER A 67 -8.89 -9.70 12.36
CA SER A 67 -9.53 -8.46 11.95
C SER A 67 -8.80 -7.23 12.44
N VAL A 68 -7.90 -7.39 13.40
CA VAL A 68 -7.09 -6.30 13.94
C VAL A 68 -5.66 -6.79 13.95
N ILE A 69 -4.75 -5.99 13.41
CA ILE A 69 -3.33 -6.30 13.38
C ILE A 69 -2.60 -5.17 14.09
N ASN A 70 -1.81 -5.49 15.10
CA ASN A 70 -0.98 -4.51 15.78
C ASN A 70 0.43 -4.56 15.20
N LEU A 71 0.98 -3.39 14.89
CA LEU A 71 2.37 -3.30 14.50
C LEU A 71 3.23 -2.88 15.68
N ASP A 72 4.54 -3.03 15.52
CA ASP A 72 5.51 -2.61 16.53
C ASP A 72 5.19 -1.18 16.96
N PRO A 73 4.96 -0.94 18.26
CA PRO A 73 4.56 0.42 18.69
C PRO A 73 5.66 1.45 18.53
N GLU A 74 6.90 1.05 18.26
CA GLU A 74 7.94 2.03 18.00
C GLU A 74 7.84 2.61 16.60
N ILE A 75 7.07 1.98 15.72
CA ILE A 75 6.86 2.51 14.38
C ILE A 75 6.17 3.86 14.47
N ASN A 76 6.54 4.75 13.57
CA ASN A 76 5.90 6.06 13.50
C ASN A 76 4.57 5.93 12.76
N PRO A 77 3.44 6.22 13.41
CA PRO A 77 2.14 6.06 12.73
C PRO A 77 1.95 6.96 11.53
N GLU A 78 2.55 8.15 11.52
CA GLU A 78 2.47 8.98 10.32
C GLU A 78 3.28 8.38 9.17
N GLY A 79 4.42 7.76 9.48
CA GLY A 79 5.13 7.00 8.46
C GLY A 79 4.26 5.89 7.89
N PHE A 80 3.54 5.19 8.76
CA PHE A 80 2.62 4.18 8.27
C PHE A 80 1.52 4.80 7.40
N ASN A 81 0.95 5.92 7.84
CA ASN A 81 -0.12 6.56 7.08
C ASN A 81 0.36 6.99 5.69
N ILE A 82 1.57 7.52 5.60
CA ILE A 82 2.15 7.92 4.31
C ILE A 82 2.26 6.71 3.40
N LEU A 83 2.69 5.57 3.94
CA LEU A 83 2.84 4.36 3.13
C LEU A 83 1.48 3.77 2.76
N LEU A 84 0.50 3.83 3.66
CA LEU A 84 -0.84 3.36 3.32
C LEU A 84 -1.44 4.20 2.20
N ASP A 85 -1.26 5.52 2.27
CA ASP A 85 -1.73 6.37 1.19
C ASP A 85 -1.02 6.03 -0.10
N PHE A 86 0.29 5.80 -0.04
CA PHE A 86 1.02 5.39 -1.24
C PHE A 86 0.44 4.11 -1.84
N MET A 87 0.16 3.12 -1.00
CA MET A 87 -0.42 1.89 -1.52
C MET A 87 -1.66 2.16 -2.37
N TYR A 88 -2.52 3.07 -1.92
CA TYR A 88 -3.80 3.32 -2.56
C TYR A 88 -3.76 4.44 -3.61
N THR A 89 -2.62 5.10 -3.83
CA THR A 89 -2.55 6.24 -4.74
C THR A 89 -1.35 6.26 -5.68
N SER A 90 -0.26 5.55 -5.41
CA SER A 90 1.01 5.59 -6.16
C SER A 90 1.82 6.83 -5.86
N ARG A 91 1.35 7.71 -4.98
CA ARG A 91 2.06 8.94 -4.64
C ARG A 91 2.67 8.79 -3.25
N LEU A 92 3.95 9.12 -3.12
CA LEU A 92 4.70 8.91 -1.89
C LEU A 92 5.12 10.26 -1.33
N ASN A 93 4.52 10.65 -0.21
CA ASN A 93 4.74 12.00 0.34
C ASN A 93 6.02 12.06 1.19
N LEU A 94 7.17 11.98 0.49
CA LEU A 94 8.46 12.08 1.17
C LEU A 94 8.82 13.55 1.37
N ARG A 95 9.22 13.89 2.59
CA ARG A 95 9.65 15.24 2.94
C ARG A 95 10.87 15.13 3.82
N GLU A 96 11.64 16.21 3.90
CA GLU A 96 12.83 16.20 4.74
C GLU A 96 12.51 15.75 6.16
N GLY A 97 11.38 16.20 6.70
CA GLY A 97 11.02 15.90 8.07
C GLY A 97 10.40 14.53 8.31
N ASN A 98 10.12 13.76 7.25
CA ASN A 98 9.54 12.44 7.44
C ASN A 98 10.31 11.30 6.81
N ILE A 99 11.37 11.58 6.05
CA ILE A 99 11.97 10.54 5.21
C ILE A 99 12.55 9.41 6.06
N MET A 100 13.15 9.73 7.20
CA MET A 100 13.72 8.66 8.02
C MET A 100 12.65 7.77 8.62
N ALA A 101 11.54 8.37 9.09
CA ALA A 101 10.44 7.57 9.59
C ALA A 101 9.81 6.73 8.48
N VAL A 102 9.65 7.32 7.30
CA VAL A 102 9.07 6.57 6.19
C VAL A 102 9.96 5.40 5.81
N MET A 103 11.27 5.63 5.72
CA MET A 103 12.19 4.55 5.35
C MET A 103 12.14 3.41 6.36
N ALA A 104 12.23 3.75 7.66
CA ALA A 104 12.20 2.71 8.68
C ALA A 104 10.90 1.90 8.63
N THR A 105 9.79 2.59 8.37
CA THR A 105 8.50 1.90 8.30
C THR A 105 8.45 1.02 7.05
N ALA A 106 8.99 1.51 5.93
CA ALA A 106 8.97 0.74 4.69
C ALA A 106 9.83 -0.51 4.79
N MET A 107 10.96 -0.43 5.51
CA MET A 107 11.78 -1.62 5.75
C MET A 107 11.01 -2.65 6.57
N TYR A 108 10.30 -2.19 7.60
CA TYR A 108 9.50 -3.06 8.45
C TYR A 108 8.38 -3.72 7.65
N LEU A 109 7.71 -2.95 6.79
CA LEU A 109 6.63 -3.48 5.97
C LEU A 109 7.13 -4.26 4.75
N GLN A 110 8.44 -4.29 4.52
CA GLN A 110 9.03 -4.99 3.38
C GLN A 110 8.49 -4.45 2.05
N MET A 111 8.67 -3.15 1.87
CA MET A 111 8.30 -2.44 0.64
C MET A 111 9.61 -1.99 -0.01
N GLU A 112 10.23 -2.90 -0.76
CA GLU A 112 11.61 -2.72 -1.19
C GLU A 112 11.77 -1.54 -2.15
N HIS A 113 10.79 -1.30 -3.02
CA HIS A 113 10.90 -0.18 -3.95
C HIS A 113 10.84 1.14 -3.23
N VAL A 114 9.98 1.24 -2.21
CA VAL A 114 9.95 2.45 -1.40
C VAL A 114 11.27 2.63 -0.66
N VAL A 115 11.81 1.54 -0.10
CA VAL A 115 13.09 1.64 0.61
C VAL A 115 14.18 2.15 -0.32
N ASP A 116 14.27 1.58 -1.52
CA ASP A 116 15.25 2.06 -2.51
C ASP A 116 15.07 3.54 -2.81
N THR A 117 13.81 3.99 -2.93
CA THR A 117 13.55 5.39 -3.23
C THR A 117 14.00 6.29 -2.08
N CYS A 118 13.72 5.89 -0.83
CA CYS A 118 14.19 6.66 0.31
C CYS A 118 15.71 6.77 0.32
N ARG A 119 16.40 5.65 0.05
CA ARG A 119 17.86 5.67 0.03
C ARG A 119 18.38 6.61 -1.06
N LYS A 120 17.69 6.66 -2.19
CA LYS A 120 18.07 7.58 -3.26
C LYS A 120 18.02 9.03 -2.79
N PHE A 121 16.91 9.41 -2.14
CA PHE A 121 16.76 10.81 -1.72
C PHE A 121 17.70 11.17 -0.58
N ILE A 122 17.97 10.23 0.34
CA ILE A 122 18.94 10.48 1.39
C ILE A 122 20.32 10.69 0.80
N LYS A 123 20.70 9.87 -0.18
CA LYS A 123 22.02 9.99 -0.79
C LYS A 123 22.17 11.30 -1.54
N ALA A 124 21.10 11.75 -2.20
CA ALA A 124 21.18 12.99 -2.97
C ALA A 124 21.30 14.21 -2.06
N SER A 125 20.76 14.13 -0.84
CA SER A 125 20.84 15.23 0.11
C SER A 125 21.78 14.88 1.26
N SER B 9 -6.04 9.57 -25.84
CA SER B 9 -6.91 8.41 -25.91
C SER B 9 -6.74 7.52 -24.69
N ASP B 10 -7.84 6.88 -24.30
CA ASP B 10 -7.87 5.96 -23.17
CA ASP B 10 -7.80 5.97 -23.16
C ASP B 10 -7.52 4.53 -23.57
N LEU B 11 -7.27 4.27 -24.85
CA LEU B 11 -6.97 2.94 -25.35
C LEU B 11 -5.67 2.97 -26.14
N TYR B 12 -4.94 1.86 -26.15
CA TYR B 12 -3.86 1.71 -27.10
C TYR B 12 -3.70 0.24 -27.47
N LEU B 13 -3.00 0.00 -28.58
CA LEU B 13 -2.72 -1.35 -29.05
C LEU B 13 -1.26 -1.69 -28.71
N ARG B 14 -1.03 -2.94 -28.38
CA ARG B 14 0.29 -3.40 -27.94
C ARG B 14 0.44 -4.86 -28.33
N PRO B 15 1.67 -5.40 -28.28
CA PRO B 15 1.87 -6.79 -28.73
C PRO B 15 1.10 -7.78 -27.89
N GLY B 16 0.62 -8.84 -28.55
CA GLY B 16 -0.06 -9.92 -27.88
C GLY B 16 0.87 -10.82 -27.10
NA NA C . -17.16 4.54 -3.29
NA NA D . -0.21 -21.32 6.57
NA NA E . -0.20 -20.63 10.47
NA NA F . -8.98 -10.00 15.47
NA NA G . 4.77 14.26 7.02
NA NA H . -7.24 8.63 -4.61
NA NA I . 5.34 4.80 17.62
CL CL J . 7.47 -1.07 -2.62
CL CL K . -6.78 -17.54 1.42
C1 TFA L . -6.77 2.44 -30.57
C2 TFA L . -7.43 1.16 -30.12
O TFA L . -5.62 2.37 -31.06
F1 TFA L . -8.74 1.38 -29.81
F2 TFA L . -7.33 0.24 -31.13
F3 TFA L . -6.76 0.70 -29.02
OXT TFA L . -7.36 3.55 -30.44
#